data_9WJI
#
_entry.id   9WJI
#
_cell.length_a   1.00
_cell.length_b   1.00
_cell.length_c   1.00
_cell.angle_alpha   90.00
_cell.angle_beta   90.00
_cell.angle_gamma   90.00
#
_symmetry.space_group_name_H-M   'P 1'
#
loop_
_entity.id
_entity.type
_entity.pdbx_description
1 polymer 'Maltose/maltodextrin-binding periplasmic protein,Vesicular acetylcholine transporter,DARPins'
2 non-polymer 2-(3-ethylsulfonylpyridin-2-yl)-3-methyl-6-(trifluoromethyl)imidazo[4,5-b]pyridine
#
_entity_poly.entity_id   1
_entity_poly.type   'polypeptide(L)'
_entity_poly.pdbx_seq_one_letter_code
;MEEGKLVIWINGDKGYNGLAEVGKKFEKDTGIKVTVEHPDKLEEKFPQVAATGDGPDIIFWAHDRFGGYAQSGLLAEITP
DKAFQDKLYPFTWDAVRYNGKLIAYPIAVEALSLIYNKDLLPNPPKTWEEIPALDKELKAKGKSALMFNLQEPYFTWPLI
AADGGYAFKYENGKYDIKDVGVDNAGAKAGLTFLIDLIKNKHMNADTDYSIAEAAFNKGETAMTINGPWAWSNIDTSKVN
YGVTVLPTFKGQPSKPFVGVLSAGINAASPNKELAKEFLENYLLTDEGLEAVNKDKPLGAVALKSYEEELVKDPRVAATM
ENAQKGEIMPNIPQMSAFWYAVRTAVINAASGRQTVDAALAAAQAEEEKRKAEEEKRKLVLVIVCVALLLDNMLYMVIVP
IVPDYIAHMRGGGEGPTRTPEVWEPTLPLPTPANASAYTANTSASPTAAWPAGSALRPRYPTESEDVKIGVLFASKAILQ
LLVNPLSGPFIDRMSYDVPLLIGLGVMFASTVLFAFAEDYATLFAARSLQGLGSAFADTSGIAMIADKYPEEPERSRALG
VALAFISFGSLVAPPFGGILYEFAGKRVPFLVLAAVSLFDALLLLAVAKPFSAAARARANLPVGTPIHRLMLDPYIAVVA
GALTTCNIPLAFLEPTIATWMKHTMAASEWEMGMAWLPAFVPHVLGVYLTVRLAARYPHLQWLYGALGLAVIGASSCIVP
ACRSFAPLVVSLCGLCFGIALVDTALLPTLAFLVDVRHVSVYGSVYAIADISYSVAYALGPIVAGHIVHSLGFEQLSLGM
GLANLLYAPVLLLLRNVGLLTRSRSERDVLLDEPPQGLYDAVRLRERPVSGQDGEPRSPPGPFDECEDDGGGGSGGGGSD
LGRKLLEAARAGQLDEVRILLANGADVNAADNTGTTPLHLAAYSGHLEIVEVLLKHGADVDASDVFGYTPLHLAAYWGHL
EIVEVLLKNGADVNAMDSDGMTPLHLAAKWGYLEIVEVLLKHGADVNAQDKFGKTAFDISIDNGNEDLAEILQKLNLEGG
SLEVLFQ
;
_entity_poly.pdbx_strand_id   A
#
loop_
_chem_comp.id
_chem_comp.type
_chem_comp.name
_chem_comp.formula
A1EWW non-polymer 2-(3-ethylsulfonylpyridin-2-yl)-3-methyl-6-(trifluoromethyl)imidazo[4,5-b]pyridine 'C15 H13 F3 N4 O2 S'
#
# COMPACT_ATOMS: atom_id res chain seq x y z
N ALA A 365 -36.72 -16.75 12.10
CA ALA A 365 -35.59 -17.61 12.39
C ALA A 365 -34.33 -17.15 11.67
N GLU A 366 -34.14 -17.65 10.43
CA GLU A 366 -32.85 -17.61 9.76
C GLU A 366 -32.40 -16.19 9.39
N GLU A 367 -33.35 -15.25 9.28
CA GLU A 367 -33.02 -13.84 9.04
C GLU A 367 -32.19 -13.26 10.18
N GLU A 368 -32.44 -13.69 11.41
CA GLU A 368 -31.70 -13.19 12.57
C GLU A 368 -30.23 -13.63 12.53
N LYS A 369 -29.98 -14.92 12.29
CA LYS A 369 -28.61 -15.40 12.20
C LYS A 369 -27.90 -14.86 10.96
N ARG A 370 -28.63 -14.65 9.86
CA ARG A 370 -28.00 -14.11 8.65
C ARG A 370 -27.62 -12.65 8.83
N LYS A 371 -28.49 -11.83 9.44
CA LYS A 371 -28.13 -10.44 9.68
C LYS A 371 -27.07 -10.31 10.77
N ALA A 372 -27.02 -11.28 11.71
CA ALA A 372 -25.94 -11.27 12.69
C ALA A 372 -24.61 -11.62 12.04
N GLU A 373 -24.62 -12.53 11.07
CA GLU A 373 -23.38 -12.88 10.38
C GLU A 373 -22.91 -11.75 9.48
N GLU A 374 -23.83 -11.07 8.80
CA GLU A 374 -23.46 -9.89 8.02
C GLU A 374 -22.99 -8.75 8.92
N GLU A 375 -23.56 -8.63 10.12
CA GLU A 375 -23.11 -7.65 11.10
C GLU A 375 -21.67 -7.91 11.53
N LYS A 376 -21.39 -9.15 11.94
CA LYS A 376 -20.04 -9.50 12.39
C LYS A 376 -19.03 -9.44 11.25
N ARG A 377 -19.46 -9.75 10.03
CA ARG A 377 -18.57 -9.68 8.89
C ARG A 377 -18.26 -8.23 8.52
N LYS A 378 -19.24 -7.33 8.67
CA LYS A 378 -18.99 -5.91 8.47
C LYS A 378 -18.11 -5.34 9.58
N LEU A 379 -18.26 -5.85 10.81
CA LEU A 379 -17.38 -5.43 11.90
C LEU A 379 -15.94 -5.87 11.65
N VAL A 380 -15.75 -7.09 11.13
CA VAL A 380 -14.40 -7.54 10.78
C VAL A 380 -13.83 -6.69 9.65
N LEU A 381 -14.67 -6.31 8.67
CA LEU A 381 -14.21 -5.41 7.60
C LEU A 381 -13.77 -4.06 8.16
N VAL A 382 -14.56 -3.48 9.07
CA VAL A 382 -14.22 -2.17 9.65
C VAL A 382 -12.95 -2.25 10.48
N ILE A 383 -12.80 -3.31 11.30
CA ILE A 383 -11.63 -3.42 12.16
C ILE A 383 -10.37 -3.68 11.35
N VAL A 384 -10.46 -4.49 10.28
CA VAL A 384 -9.31 -4.74 9.43
C VAL A 384 -8.93 -3.49 8.64
N CYS A 385 -9.91 -2.74 8.15
CA CYS A 385 -9.60 -1.54 7.39
C CYS A 385 -9.04 -0.43 8.28
N VAL A 386 -9.51 -0.33 9.54
CA VAL A 386 -8.91 0.62 10.47
C VAL A 386 -7.51 0.17 10.88
N ALA A 387 -7.27 -1.15 10.94
CA ALA A 387 -5.92 -1.66 11.19
C ALA A 387 -4.97 -1.28 10.06
N LEU A 388 -5.41 -1.43 8.82
CA LEU A 388 -4.60 -1.01 7.67
C LEU A 388 -4.42 0.50 7.63
N LEU A 389 -5.43 1.26 8.05
CA LEU A 389 -5.35 2.71 8.10
C LEU A 389 -4.29 3.17 9.10
N LEU A 390 -4.37 2.68 10.33
CA LEU A 390 -3.40 3.06 11.37
C LEU A 390 -2.01 2.51 11.06
N ASP A 391 -1.94 1.37 10.39
CA ASP A 391 -0.64 0.80 10.06
C ASP A 391 0.05 1.61 8.97
N ASN A 392 -0.69 2.03 7.95
CA ASN A 392 -0.12 2.88 6.91
C ASN A 392 0.16 4.27 7.45
N MET A 393 -0.64 4.73 8.42
CA MET A 393 -0.31 5.94 9.17
C MET A 393 1.06 5.81 9.84
N LEU A 394 1.35 4.65 10.44
CA LEU A 394 2.67 4.42 11.02
C LEU A 394 3.77 4.46 9.97
N TYR A 395 3.59 3.72 8.85
CA TYR A 395 4.65 3.64 7.84
C TYR A 395 4.90 4.98 7.15
N MET A 396 3.93 5.88 7.16
CA MET A 396 4.09 7.14 6.45
C MET A 396 4.17 8.36 7.36
N VAL A 397 4.13 8.21 8.68
CA VAL A 397 4.52 9.31 9.56
C VAL A 397 5.83 9.06 10.27
N ILE A 398 6.37 7.83 10.24
CA ILE A 398 7.73 7.70 10.77
C ILE A 398 8.77 8.31 9.84
N VAL A 399 8.44 8.50 8.56
CA VAL A 399 9.38 8.98 7.56
C VAL A 399 9.82 10.44 7.78
N PRO A 400 8.97 11.41 8.17
CA PRO A 400 9.55 12.71 8.55
C PRO A 400 10.21 12.74 9.92
N ILE A 401 10.24 11.63 10.64
CA ILE A 401 10.76 11.64 12.01
C ILE A 401 12.16 11.05 12.05
N VAL A 402 12.42 10.05 11.21
CA VAL A 402 13.70 9.32 11.17
C VAL A 402 14.92 10.20 10.89
N PRO A 403 14.97 11.09 9.87
CA PRO A 403 16.21 11.88 9.68
C PRO A 403 16.45 12.95 10.73
N ASP A 404 15.47 13.22 11.61
CA ASP A 404 15.63 14.27 12.59
C ASP A 404 16.53 13.84 13.76
N TYR A 405 16.63 12.54 14.02
CA TYR A 405 17.42 12.03 15.14
C TYR A 405 18.82 11.61 14.73
N ILE A 406 18.98 10.95 13.59
CA ILE A 406 20.24 10.32 13.23
C ILE A 406 21.23 11.39 12.77
N ALA A 407 22.20 11.70 13.62
CA ALA A 407 23.21 12.70 13.31
C ALA A 407 24.52 12.40 14.02
N PRO A 458 4.27 21.26 10.38
CA PRO A 458 4.01 21.19 8.94
C PRO A 458 5.07 20.40 8.20
N ARG A 459 5.44 19.25 8.73
CA ARG A 459 6.56 18.50 8.17
C ARG A 459 6.13 17.72 6.94
N TYR A 460 7.07 17.58 6.01
CA TYR A 460 7.14 16.81 4.77
C TYR A 460 7.94 15.53 5.03
N PRO A 461 7.52 14.41 4.43
CA PRO A 461 8.07 13.10 4.82
C PRO A 461 9.53 12.86 4.48
N THR A 462 9.93 13.04 3.23
CA THR A 462 11.11 12.35 2.74
C THR A 462 12.30 13.28 2.51
N GLU A 463 13.46 12.64 2.35
CA GLU A 463 14.72 13.26 1.97
C GLU A 463 15.37 12.41 0.89
N SER A 464 16.36 12.99 0.21
CA SER A 464 17.10 12.29 -0.87
C SER A 464 18.59 12.52 -0.66
N GLU A 465 19.20 11.68 0.18
CA GLU A 465 20.59 11.73 0.60
C GLU A 465 20.81 10.52 1.47
N ASP A 466 22.08 10.17 1.72
CA ASP A 466 22.49 9.27 2.80
C ASP A 466 21.91 7.86 2.70
N VAL A 467 22.43 7.05 1.79
CA VAL A 467 22.07 5.64 1.55
C VAL A 467 21.97 4.81 2.84
N LYS A 468 22.79 5.15 3.84
CA LYS A 468 22.66 4.57 5.18
C LYS A 468 21.29 4.84 5.80
N ILE A 469 20.70 6.00 5.50
CA ILE A 469 19.34 6.27 5.97
C ILE A 469 18.33 5.71 4.99
N GLY A 470 18.66 5.68 3.70
CA GLY A 470 17.76 5.13 2.70
C GLY A 470 17.59 3.64 2.83
N VAL A 471 18.64 2.94 3.26
CA VAL A 471 18.49 1.51 3.53
C VAL A 471 17.65 1.30 4.78
N LEU A 472 17.61 2.27 5.69
CA LEU A 472 16.64 2.19 6.78
C LEU A 472 15.21 2.39 6.26
N PHE A 473 15.00 3.34 5.35
CA PHE A 473 13.65 3.54 4.84
C PHE A 473 13.16 2.37 4.01
N ALA A 474 14.06 1.66 3.34
CA ALA A 474 13.67 0.48 2.58
C ALA A 474 13.89 -0.81 3.35
N SER A 475 14.27 -0.73 4.63
CA SER A 475 14.37 -1.94 5.45
C SER A 475 13.03 -2.63 5.63
N LYS A 476 11.96 -1.83 5.78
CA LYS A 476 10.60 -2.36 5.84
C LYS A 476 10.25 -3.15 4.59
N ALA A 477 10.51 -2.58 3.43
CA ALA A 477 10.14 -3.24 2.19
C ALA A 477 11.04 -4.43 1.87
N ILE A 478 12.34 -4.35 2.20
CA ILE A 478 13.20 -5.49 1.92
C ILE A 478 12.93 -6.62 2.92
N LEU A 479 12.49 -6.30 4.14
CA LEU A 479 12.22 -7.39 5.06
C LEU A 479 10.85 -8.01 4.82
N GLN A 480 9.85 -7.23 4.36
CA GLN A 480 8.64 -7.91 3.92
C GLN A 480 8.86 -8.66 2.62
N LEU A 481 9.78 -8.18 1.76
CA LEU A 481 10.15 -8.92 0.55
C LEU A 481 10.86 -10.23 0.89
N LEU A 482 11.55 -10.28 2.03
CA LEU A 482 12.17 -11.52 2.49
C LEU A 482 11.26 -12.40 3.33
N VAL A 483 10.20 -11.84 3.92
CA VAL A 483 9.32 -12.59 4.82
C VAL A 483 8.11 -13.16 4.09
N ASN A 484 7.33 -12.33 3.38
CA ASN A 484 6.09 -12.86 2.81
C ASN A 484 6.16 -13.93 1.71
N PRO A 485 7.27 -14.24 1.02
CA PRO A 485 7.31 -15.56 0.35
C PRO A 485 7.22 -16.71 1.32
N LEU A 486 7.76 -16.54 2.53
CA LEU A 486 7.67 -17.55 3.58
C LEU A 486 6.43 -17.36 4.43
N SER A 487 5.83 -16.17 4.43
CA SER A 487 4.61 -15.90 5.17
C SER A 487 3.34 -16.03 4.33
N GLY A 488 3.47 -16.28 3.03
CA GLY A 488 2.32 -16.62 2.21
C GLY A 488 1.73 -17.96 2.55
N PRO A 489 2.53 -19.05 2.44
CA PRO A 489 2.07 -20.35 2.93
C PRO A 489 1.80 -20.40 4.43
N PHE A 490 2.32 -19.46 5.23
CA PHE A 490 1.91 -19.40 6.63
C PHE A 490 0.46 -18.96 6.76
N ILE A 491 0.03 -18.02 5.92
CA ILE A 491 -1.36 -17.61 5.92
C ILE A 491 -2.23 -18.67 5.25
N ASP A 492 -1.66 -19.46 4.34
CA ASP A 492 -2.45 -20.54 3.75
C ASP A 492 -2.66 -21.70 4.72
N ARG A 493 -1.61 -22.10 5.45
CA ARG A 493 -1.70 -23.25 6.34
C ARG A 493 -2.60 -22.94 7.54
N MET A 494 -2.27 -21.90 8.29
CA MET A 494 -3.11 -21.49 9.41
C MET A 494 -4.23 -20.59 8.88
N SER A 495 -4.93 -19.93 9.79
CA SER A 495 -6.06 -19.09 9.40
C SER A 495 -5.59 -17.74 8.90
N TYR A 496 -6.50 -16.78 8.85
CA TYR A 496 -6.16 -15.39 8.54
C TYR A 496 -6.07 -14.53 9.78
N ASP A 497 -6.91 -14.82 10.79
CA ASP A 497 -6.98 -13.98 11.98
C ASP A 497 -5.75 -14.14 12.86
N VAL A 498 -5.19 -15.35 12.94
CA VAL A 498 -3.97 -15.57 13.72
C VAL A 498 -2.76 -14.87 13.09
N PRO A 499 -2.50 -14.91 11.77
CA PRO A 499 -1.41 -14.07 11.26
C PRO A 499 -1.72 -12.59 11.26
N LEU A 500 -2.99 -12.18 11.20
CA LEU A 500 -3.29 -10.76 11.42
C LEU A 500 -2.97 -10.33 12.85
N LEU A 501 -3.22 -11.21 13.82
CA LEU A 501 -2.85 -10.91 15.21
C LEU A 501 -1.34 -10.91 15.39
N ILE A 502 -0.63 -11.80 14.69
CA ILE A 502 0.83 -11.78 14.75
C ILE A 502 1.38 -10.48 14.15
N GLY A 503 0.79 -10.03 13.04
CA GLY A 503 1.20 -8.78 12.44
C GLY A 503 0.91 -7.56 13.28
N LEU A 504 -0.28 -7.53 13.91
CA LEU A 504 -0.60 -6.39 14.76
C LEU A 504 0.16 -6.44 16.08
N GLY A 505 0.54 -7.63 16.55
CA GLY A 505 1.37 -7.71 17.74
C GLY A 505 2.78 -7.25 17.51
N VAL A 506 3.39 -7.67 16.40
CA VAL A 506 4.72 -7.15 16.09
C VAL A 506 4.66 -5.70 15.62
N MET A 507 3.50 -5.22 15.18
CA MET A 507 3.38 -3.80 14.86
C MET A 507 3.26 -2.95 16.12
N PHE A 508 2.58 -3.45 17.15
CA PHE A 508 2.60 -2.82 18.46
C PHE A 508 4.02 -2.78 19.04
N ALA A 509 4.74 -3.90 18.91
CA ALA A 509 6.12 -3.95 19.38
C ALA A 509 7.01 -3.00 18.60
N SER A 510 6.75 -2.86 17.29
CA SER A 510 7.50 -1.93 16.47
C SER A 510 7.21 -0.48 16.85
N THR A 511 5.95 -0.15 17.10
CA THR A 511 5.59 1.24 17.39
C THR A 511 6.11 1.66 18.75
N VAL A 512 6.05 0.78 19.74
CA VAL A 512 6.69 1.15 21.00
C VAL A 512 8.21 1.06 20.92
N LEU A 513 8.76 0.39 19.91
CA LEU A 513 10.20 0.47 19.70
C LEU A 513 10.60 1.79 19.02
N PHE A 514 9.71 2.35 18.19
CA PHE A 514 9.90 3.73 17.72
C PHE A 514 9.83 4.71 18.87
N ALA A 515 8.79 4.60 19.69
CA ALA A 515 8.64 5.50 20.83
C ALA A 515 9.62 5.17 21.97
N PHE A 516 10.38 4.09 21.87
CA PHE A 516 11.27 3.70 22.95
C PHE A 516 12.66 4.33 22.84
N ALA A 517 13.19 4.45 21.62
CA ALA A 517 14.59 4.84 21.45
C ALA A 517 14.76 5.71 20.22
N GLU A 518 16.00 6.19 20.04
CA GLU A 518 16.28 7.25 19.09
C GLU A 518 17.55 7.02 18.26
N ASP A 519 18.21 5.87 18.39
CA ASP A 519 19.49 5.65 17.71
C ASP A 519 19.26 5.29 16.24
N TYR A 520 20.32 4.84 15.58
CA TYR A 520 20.16 4.30 14.23
C TYR A 520 19.71 2.84 14.27
N ALA A 521 20.29 2.04 15.16
CA ALA A 521 20.04 0.61 15.17
C ALA A 521 18.64 0.28 15.67
N THR A 522 18.15 1.03 16.66
CA THR A 522 16.80 0.77 17.16
C THR A 522 15.75 1.24 16.18
N LEU A 523 15.98 2.35 15.47
CA LEU A 523 15.08 2.78 14.40
C LEU A 523 15.08 1.78 13.26
N PHE A 524 16.25 1.21 12.95
CA PHE A 524 16.35 0.18 11.92
C PHE A 524 15.59 -1.08 12.33
N ALA A 525 15.69 -1.47 13.60
CA ALA A 525 14.97 -2.63 14.10
C ALA A 525 13.47 -2.39 14.13
N ALA A 526 13.06 -1.17 14.47
CA ALA A 526 11.63 -0.86 14.50
C ALA A 526 11.04 -0.81 13.09
N ARG A 527 11.80 -0.31 12.13
CA ARG A 527 11.34 -0.34 10.75
C ARG A 527 11.35 -1.75 10.18
N SER A 528 12.29 -2.59 10.60
CA SER A 528 12.28 -3.99 10.18
C SER A 528 11.09 -4.74 10.78
N LEU A 529 10.73 -4.43 12.03
CA LEU A 529 9.52 -5.00 12.60
C LEU A 529 8.27 -4.46 11.93
N GLN A 530 8.31 -3.21 11.43
CA GLN A 530 7.22 -2.76 10.56
C GLN A 530 7.18 -3.53 9.26
N GLY A 531 8.32 -4.00 8.75
CA GLY A 531 8.30 -4.83 7.56
C GLY A 531 7.69 -6.21 7.82
N LEU A 532 8.05 -6.82 8.95
CA LEU A 532 7.47 -8.09 9.36
C LEU A 532 5.96 -7.96 9.57
N GLY A 533 5.55 -6.90 10.25
CA GLY A 533 4.13 -6.63 10.43
C GLY A 533 3.44 -6.25 9.15
N SER A 534 4.17 -5.65 8.20
CA SER A 534 3.60 -5.34 6.90
C SER A 534 3.23 -6.60 6.15
N ALA A 535 4.18 -7.54 6.09
CA ALA A 535 3.94 -8.86 5.50
C ALA A 535 2.75 -9.54 6.13
N PHE A 536 2.85 -9.83 7.44
CA PHE A 536 1.79 -10.59 8.14
C PHE A 536 0.46 -9.85 8.14
N ALA A 537 0.42 -8.65 8.71
CA ALA A 537 -0.83 -7.94 8.91
C ALA A 537 -1.46 -7.48 7.60
N ASP A 538 -0.66 -6.91 6.67
CA ASP A 538 -1.24 -6.39 5.44
C ASP A 538 -1.73 -7.52 4.54
N THR A 539 -0.94 -8.60 4.41
CA THR A 539 -1.38 -9.73 3.58
C THR A 539 -2.57 -10.43 4.20
N SER A 540 -2.58 -10.61 5.53
CA SER A 540 -3.70 -11.26 6.19
C SER A 540 -4.96 -10.41 6.13
N GLY A 541 -4.80 -9.08 6.21
CA GLY A 541 -5.97 -8.22 6.18
C GLY A 541 -6.62 -8.17 4.81
N ILE A 542 -5.82 -7.99 3.76
CA ILE A 542 -6.37 -8.00 2.41
C ILE A 542 -6.89 -9.38 2.05
N ALA A 543 -6.26 -10.43 2.58
CA ALA A 543 -6.68 -11.80 2.29
C ALA A 543 -8.00 -12.14 2.96
N MET A 544 -8.22 -11.68 4.19
CA MET A 544 -9.50 -11.98 4.82
C MET A 544 -10.61 -11.05 4.35
N ILE A 545 -10.28 -9.87 3.84
CA ILE A 545 -11.30 -9.08 3.16
C ILE A 545 -11.72 -9.78 1.87
N ALA A 546 -10.78 -10.41 1.18
CA ALA A 546 -11.14 -11.22 0.01
C ALA A 546 -11.88 -12.50 0.41
N ASP A 547 -11.57 -13.07 1.58
CA ASP A 547 -12.19 -14.32 1.99
C ASP A 547 -13.63 -14.11 2.44
N LYS A 548 -13.85 -13.13 3.33
CA LYS A 548 -15.19 -12.90 3.86
C LYS A 548 -16.14 -12.25 2.86
N TYR A 549 -15.67 -11.91 1.67
CA TYR A 549 -16.52 -11.44 0.56
C TYR A 549 -16.24 -12.30 -0.65
N PRO A 550 -16.85 -13.50 -0.73
CA PRO A 550 -16.53 -14.39 -1.85
C PRO A 550 -17.18 -13.95 -3.15
N GLU A 551 -18.36 -13.35 -3.09
CA GLU A 551 -19.04 -12.91 -4.29
C GLU A 551 -18.38 -11.65 -4.86
N GLU A 552 -18.44 -11.53 -6.18
CA GLU A 552 -17.57 -10.57 -6.88
C GLU A 552 -17.95 -9.10 -6.68
N PRO A 553 -19.22 -8.66 -6.81
CA PRO A 553 -19.48 -7.21 -6.61
C PRO A 553 -19.32 -6.75 -5.17
N GLU A 554 -19.37 -7.64 -4.19
CA GLU A 554 -19.03 -7.27 -2.82
C GLU A 554 -17.55 -7.45 -2.52
N ARG A 555 -16.86 -8.36 -3.22
CA ARG A 555 -15.40 -8.44 -3.11
C ARG A 555 -14.75 -7.16 -3.60
N SER A 556 -15.20 -6.66 -4.76
CA SER A 556 -14.61 -5.45 -5.32
C SER A 556 -14.93 -4.23 -4.45
N ARG A 557 -16.12 -4.18 -3.88
CA ARG A 557 -16.49 -3.05 -3.03
C ARG A 557 -15.77 -3.10 -1.69
N ALA A 558 -15.53 -4.29 -1.13
CA ALA A 558 -14.82 -4.39 0.12
C ALA A 558 -13.33 -4.14 -0.05
N LEU A 559 -12.74 -4.61 -1.15
CA LEU A 559 -11.38 -4.23 -1.48
C LEU A 559 -11.29 -2.74 -1.79
N GLY A 560 -12.37 -2.15 -2.29
CA GLY A 560 -12.41 -0.71 -2.49
C GLY A 560 -12.37 0.07 -1.19
N VAL A 561 -13.17 -0.36 -0.19
CA VAL A 561 -13.13 0.26 1.13
C VAL A 561 -11.77 0.03 1.79
N ALA A 562 -11.18 -1.14 1.56
CA ALA A 562 -9.84 -1.46 2.07
C ALA A 562 -8.80 -0.50 1.52
N LEU A 563 -8.74 -0.38 0.19
CA LEU A 563 -7.77 0.52 -0.44
C LEU A 563 -8.10 1.98 -0.19
N ALA A 564 -9.36 2.32 0.08
CA ALA A 564 -9.71 3.69 0.45
C ALA A 564 -9.15 4.05 1.82
N PHE A 565 -9.24 3.14 2.80
CA PHE A 565 -8.65 3.45 4.10
C PHE A 565 -7.13 3.30 4.10
N ILE A 566 -6.59 2.44 3.24
CA ILE A 566 -5.14 2.39 3.02
C ILE A 566 -4.64 3.73 2.48
N SER A 567 -5.36 4.27 1.49
CA SER A 567 -4.99 5.56 0.94
C SER A 567 -5.23 6.70 1.92
N PHE A 568 -6.22 6.56 2.81
CA PHE A 568 -6.40 7.51 3.90
C PHE A 568 -5.16 7.56 4.78
N GLY A 569 -4.80 6.40 5.35
CA GLY A 569 -3.63 6.31 6.20
C GLY A 569 -2.31 6.55 5.51
N SER A 570 -2.27 6.53 4.18
CA SER A 570 -1.03 6.80 3.48
C SER A 570 -0.97 8.20 2.87
N LEU A 571 -2.08 8.92 2.78
CA LEU A 571 -2.06 10.24 2.15
C LEU A 571 -2.48 11.34 3.10
N VAL A 572 -3.61 11.20 3.82
CA VAL A 572 -4.01 12.30 4.69
C VAL A 572 -3.45 12.16 6.09
N ALA A 573 -2.85 11.04 6.42
CA ALA A 573 -2.16 10.83 7.68
C ALA A 573 -0.74 11.43 7.81
N PRO A 574 0.14 11.45 6.79
CA PRO A 574 1.48 12.07 6.99
C PRO A 574 1.48 13.55 7.35
N PRO A 575 0.63 14.44 6.77
CA PRO A 575 0.70 15.83 7.25
C PRO A 575 0.24 16.03 8.68
N PHE A 576 -0.81 15.32 9.10
CA PHE A 576 -1.25 15.45 10.48
C PHE A 576 -0.30 14.75 11.45
N GLY A 577 0.34 13.66 11.03
CA GLY A 577 1.41 13.07 11.83
C GLY A 577 2.60 13.98 11.97
N GLY A 578 2.92 14.75 10.92
CA GLY A 578 3.98 15.73 11.04
C GLY A 578 3.62 16.87 11.98
N ILE A 579 2.39 17.38 11.90
CA ILE A 579 2.05 18.49 12.78
C ILE A 579 1.78 18.01 14.21
N LEU A 580 1.58 16.71 14.43
CA LEU A 580 1.65 16.18 15.79
C LEU A 580 3.08 15.97 16.27
N TYR A 581 4.01 15.66 15.37
CA TYR A 581 5.41 15.56 15.78
C TYR A 581 5.97 16.92 16.14
N GLU A 582 5.52 17.97 15.45
CA GLU A 582 5.99 19.31 15.78
C GLU A 582 5.32 19.90 17.02
N PHE A 583 4.15 19.41 17.40
CA PHE A 583 3.41 19.95 18.53
C PHE A 583 3.57 19.09 19.78
N ALA A 584 3.41 17.77 19.65
CA ALA A 584 3.43 16.87 20.79
C ALA A 584 4.75 16.12 20.92
N GLY A 585 5.29 15.60 19.82
CA GLY A 585 6.56 14.91 19.85
C GLY A 585 6.52 13.53 19.26
N LYS A 586 7.30 12.61 19.82
CA LYS A 586 7.37 11.23 19.35
C LYS A 586 6.94 10.22 20.39
N ARG A 587 7.18 10.49 21.67
CA ARG A 587 6.77 9.61 22.77
C ARG A 587 5.26 9.44 22.84
N VAL A 588 4.57 10.53 23.15
CA VAL A 588 3.11 10.47 23.34
C VAL A 588 2.34 10.07 22.07
N PRO A 589 2.63 10.63 20.86
CA PRO A 589 1.84 10.18 19.69
C PRO A 589 2.03 8.71 19.32
N PHE A 590 3.26 8.20 19.33
CA PHE A 590 3.42 6.79 18.96
C PHE A 590 2.95 5.86 20.07
N LEU A 591 3.05 6.25 21.34
CA LEU A 591 2.49 5.40 22.39
C LEU A 591 0.96 5.35 22.33
N VAL A 592 0.30 6.49 22.09
CA VAL A 592 -1.15 6.41 22.01
C VAL A 592 -1.61 5.78 20.70
N LEU A 593 -0.80 5.86 19.64
CA LEU A 593 -1.21 5.20 18.40
C LEU A 593 -0.98 3.70 18.48
N ALA A 594 0.04 3.26 19.23
CA ALA A 594 0.20 1.85 19.53
C ALA A 594 -0.89 1.36 20.48
N ALA A 595 -1.38 2.22 21.37
CA ALA A 595 -2.49 1.82 22.22
C ALA A 595 -3.78 1.68 21.43
N VAL A 596 -4.00 2.56 20.44
CA VAL A 596 -5.16 2.40 19.56
C VAL A 596 -5.00 1.17 18.66
N SER A 597 -3.77 0.85 18.26
CA SER A 597 -3.54 -0.38 17.49
C SER A 597 -3.76 -1.63 18.32
N LEU A 598 -3.35 -1.63 19.59
CA LEU A 598 -3.63 -2.80 20.43
C LEU A 598 -5.11 -2.90 20.76
N PHE A 599 -5.79 -1.75 20.87
CA PHE A 599 -7.24 -1.77 21.06
C PHE A 599 -7.94 -2.36 19.83
N ASP A 600 -7.41 -2.07 18.64
CA ASP A 600 -7.97 -2.64 17.42
C ASP A 600 -7.71 -4.14 17.34
N ALA A 601 -6.51 -4.58 17.74
CA ALA A 601 -6.21 -6.01 17.71
C ALA A 601 -7.00 -6.79 18.75
N LEU A 602 -7.16 -6.23 19.95
CA LEU A 602 -7.97 -6.89 20.97
C LEU A 602 -9.45 -6.85 20.63
N LEU A 603 -9.89 -5.82 19.89
CA LEU A 603 -11.27 -5.80 19.43
C LEU A 603 -11.50 -6.85 18.34
N LEU A 604 -10.49 -7.11 17.51
CA LEU A 604 -10.64 -8.21 16.55
C LEU A 604 -10.50 -9.57 17.22
N LEU A 605 -9.78 -9.66 18.34
CA LEU A 605 -9.82 -10.89 19.13
C LEU A 605 -11.20 -11.11 19.75
N ALA A 606 -11.86 -10.03 20.15
CA ALA A 606 -13.20 -10.16 20.71
C ALA A 606 -14.24 -10.49 19.64
N VAL A 607 -14.05 -9.98 18.42
CA VAL A 607 -15.04 -10.21 17.37
C VAL A 607 -14.80 -11.53 16.65
N ALA A 608 -13.60 -11.73 16.11
CA ALA A 608 -13.34 -12.84 15.20
C ALA A 608 -13.20 -14.17 15.92
N LYS A 609 -12.60 -14.17 17.13
CA LYS A 609 -12.29 -15.33 17.96
C LYS A 609 -11.49 -16.36 17.15
N PRO A 610 -10.19 -16.13 16.94
CA PRO A 610 -9.40 -17.16 16.24
C PRO A 610 -9.07 -18.35 17.14
N PRO A 622 -8.44 -25.14 1.71
CA PRO A 622 -7.91 -26.51 1.77
C PRO A 622 -6.40 -26.55 1.97
N VAL A 623 -5.71 -27.40 1.19
CA VAL A 623 -4.29 -27.59 1.39
C VAL A 623 -3.45 -26.43 0.87
N GLY A 624 -3.99 -25.60 -0.01
CA GLY A 624 -3.26 -24.45 -0.51
C GLY A 624 -2.24 -24.77 -1.59
N THR A 625 -2.06 -23.85 -2.53
CA THR A 625 -1.01 -23.94 -3.52
C THR A 625 0.26 -23.28 -3.01
N PRO A 626 1.43 -23.83 -3.34
CA PRO A 626 2.69 -23.20 -2.92
C PRO A 626 2.90 -21.87 -3.62
N ILE A 627 3.87 -21.10 -3.10
CA ILE A 627 4.15 -19.78 -3.65
C ILE A 627 4.93 -19.88 -4.95
N HIS A 628 5.56 -21.03 -5.23
CA HIS A 628 6.26 -21.22 -6.49
C HIS A 628 5.28 -21.35 -7.65
N ARG A 629 4.15 -22.03 -7.43
CA ARG A 629 3.20 -22.31 -8.50
C ARG A 629 2.39 -21.09 -8.90
N LEU A 630 2.32 -20.06 -8.06
CA LEU A 630 1.65 -18.83 -8.48
C LEU A 630 2.47 -18.06 -9.49
N MET A 631 3.80 -18.17 -9.42
CA MET A 631 4.65 -17.53 -10.42
C MET A 631 4.57 -18.25 -11.76
N LEU A 632 4.29 -19.55 -11.76
CA LEU A 632 4.14 -20.27 -13.02
C LEU A 632 2.79 -20.04 -13.68
N ASP A 633 1.87 -19.37 -13.01
CA ASP A 633 0.61 -18.92 -13.57
C ASP A 633 0.84 -17.57 -14.25
N PRO A 634 0.72 -17.50 -15.58
CA PRO A 634 1.02 -16.23 -16.27
C PRO A 634 0.03 -15.12 -15.97
N TYR A 635 -1.18 -15.45 -15.56
CA TYR A 635 -2.14 -14.40 -15.22
C TYR A 635 -1.79 -13.76 -13.88
N ILE A 636 -1.43 -14.57 -12.88
CA ILE A 636 -0.96 -14.04 -11.61
C ILE A 636 0.36 -13.28 -11.80
N ALA A 637 1.20 -13.77 -12.72
CA ALA A 637 2.48 -13.12 -12.98
C ALA A 637 2.29 -11.76 -13.65
N VAL A 638 1.30 -11.65 -14.55
CA VAL A 638 1.11 -10.35 -15.20
C VAL A 638 0.40 -9.37 -14.25
N VAL A 639 -0.43 -9.86 -13.32
CA VAL A 639 -1.00 -8.96 -12.32
C VAL A 639 0.07 -8.52 -11.33
N ALA A 640 1.03 -9.39 -11.00
CA ALA A 640 2.12 -9.02 -10.12
C ALA A 640 3.03 -7.99 -10.79
N GLY A 641 3.31 -8.16 -12.09
CA GLY A 641 4.04 -7.15 -12.83
C GLY A 641 3.29 -5.84 -12.91
N ALA A 642 1.96 -5.90 -12.99
CA ALA A 642 1.14 -4.69 -12.97
C ALA A 642 1.25 -3.97 -11.63
N LEU A 643 1.26 -4.71 -10.53
CA LEU A 643 1.34 -4.07 -9.22
C LEU A 643 2.74 -3.49 -8.98
N THR A 644 3.79 -4.18 -9.47
CA THR A 644 5.14 -3.63 -9.43
C THR A 644 5.24 -2.33 -10.23
N THR A 645 4.78 -2.35 -11.48
CA THR A 645 4.96 -1.20 -12.36
C THR A 645 4.00 -0.06 -12.01
N CYS A 646 2.89 -0.33 -11.33
CA CYS A 646 2.03 0.76 -10.89
C CYS A 646 2.49 1.33 -9.55
N ASN A 647 3.18 0.55 -8.73
CA ASN A 647 3.72 1.09 -7.49
C ASN A 647 5.04 1.81 -7.71
N ILE A 648 5.79 1.45 -8.75
CA ILE A 648 7.11 2.04 -8.99
C ILE A 648 7.11 3.55 -9.27
N PRO A 649 6.05 4.23 -9.78
CA PRO A 649 6.14 5.70 -9.80
C PRO A 649 6.05 6.34 -8.43
N LEU A 650 5.15 5.86 -7.57
CA LEU A 650 5.13 6.42 -6.22
C LEU A 650 6.32 5.90 -5.40
N ALA A 651 6.91 4.78 -5.82
CA ALA A 651 8.13 4.31 -5.18
C ALA A 651 9.30 5.24 -5.45
N PHE A 652 9.50 5.63 -6.71
CA PHE A 652 10.65 6.48 -7.00
C PHE A 652 10.37 7.96 -6.79
N LEU A 653 9.11 8.38 -6.75
CA LEU A 653 8.77 9.79 -6.60
C LEU A 653 8.52 10.22 -5.17
N GLU A 654 8.34 9.29 -4.23
CA GLU A 654 8.08 9.75 -2.87
C GLU A 654 9.36 10.21 -2.17
N PRO A 655 10.55 9.52 -2.30
CA PRO A 655 11.77 10.14 -1.75
C PRO A 655 12.41 11.19 -2.65
N THR A 656 11.69 11.69 -3.64
CA THR A 656 12.36 12.56 -4.59
C THR A 656 11.68 13.91 -4.78
N ILE A 657 10.34 13.96 -4.77
CA ILE A 657 9.62 15.22 -4.99
C ILE A 657 9.87 16.20 -3.86
N ALA A 658 10.05 15.70 -2.64
CA ALA A 658 10.34 16.54 -1.48
C ALA A 658 11.80 17.04 -1.43
N THR A 659 12.55 16.90 -2.52
CA THR A 659 13.71 17.75 -2.75
C THR A 659 13.70 18.37 -4.15
N TRP A 660 12.74 17.99 -5.00
CA TRP A 660 12.55 18.64 -6.29
C TRP A 660 11.72 19.92 -6.18
N MET A 661 10.94 20.04 -5.09
CA MET A 661 10.16 21.25 -4.81
C MET A 661 11.05 22.49 -4.72
N LYS A 662 12.06 22.44 -3.85
CA LYS A 662 12.94 23.60 -3.64
C LYS A 662 13.82 23.86 -4.86
N HIS A 663 14.15 22.81 -5.62
CA HIS A 663 14.95 23.00 -6.82
C HIS A 663 14.14 23.61 -7.96
N THR A 664 12.83 23.40 -7.97
CA THR A 664 12.01 23.78 -9.11
C THR A 664 11.36 25.14 -8.96
N MET A 665 10.59 25.34 -7.89
CA MET A 665 9.72 26.50 -7.76
C MET A 665 9.74 27.11 -6.37
N ALA A 666 10.63 26.63 -5.49
CA ALA A 666 10.82 27.10 -4.12
C ALA A 666 9.52 27.00 -3.31
N ALA A 667 9.04 25.76 -3.18
CA ALA A 667 7.81 25.52 -2.45
C ALA A 667 8.00 25.71 -0.96
N SER A 668 7.01 26.31 -0.32
CA SER A 668 7.07 26.55 1.13
C SER A 668 6.98 25.23 1.89
N GLU A 669 7.46 25.26 3.14
CA GLU A 669 7.47 24.06 3.95
C GLU A 669 6.07 23.62 4.37
N TRP A 670 5.10 24.54 4.38
CA TRP A 670 3.71 24.16 4.64
C TRP A 670 3.06 23.57 3.40
N GLU A 671 3.53 23.96 2.22
CA GLU A 671 3.06 23.43 0.95
C GLU A 671 4.01 22.38 0.40
N MET A 672 4.61 21.60 1.29
CA MET A 672 5.72 20.70 0.98
C MET A 672 5.32 19.24 1.14
N GLY A 673 4.84 18.87 2.32
CA GLY A 673 4.25 17.56 2.57
C GLY A 673 2.74 17.57 2.48
N MET A 674 2.15 18.71 2.18
CA MET A 674 0.73 18.86 1.89
C MET A 674 0.42 18.51 0.44
N ALA A 675 1.41 18.11 -0.35
CA ALA A 675 1.20 17.85 -1.77
C ALA A 675 0.45 16.56 -2.02
N TRP A 676 0.61 15.57 -1.16
CA TRP A 676 -0.15 14.32 -1.28
C TRP A 676 -1.51 14.40 -0.61
N LEU A 677 -1.83 15.50 0.04
CA LEU A 677 -3.07 15.64 0.81
C LEU A 677 -4.30 15.85 -0.08
N PRO A 678 -4.27 16.61 -1.19
CA PRO A 678 -5.40 16.51 -2.13
C PRO A 678 -5.29 15.37 -3.12
N ALA A 679 -4.42 14.40 -2.91
CA ALA A 679 -4.35 13.21 -3.75
C ALA A 679 -5.19 12.08 -3.20
N PHE A 680 -5.80 12.25 -2.04
CA PHE A 680 -6.69 11.22 -1.50
C PHE A 680 -8.07 11.29 -2.14
N VAL A 681 -8.55 12.49 -2.46
CA VAL A 681 -9.92 12.66 -2.96
C VAL A 681 -10.05 12.07 -4.37
N PRO A 682 -9.12 12.28 -5.33
CA PRO A 682 -9.22 11.48 -6.55
C PRO A 682 -8.81 10.03 -6.39
N HIS A 683 -8.11 9.65 -5.32
CA HIS A 683 -7.90 8.22 -5.07
C HIS A 683 -9.23 7.55 -4.72
N VAL A 684 -10.01 8.16 -3.83
CA VAL A 684 -11.27 7.54 -3.46
C VAL A 684 -12.29 7.70 -4.59
N LEU A 685 -12.14 8.74 -5.43
CA LEU A 685 -12.99 8.82 -6.62
C LEU A 685 -12.63 7.75 -7.63
N GLY A 686 -11.35 7.41 -7.78
CA GLY A 686 -10.97 6.32 -8.66
C GLY A 686 -11.40 4.98 -8.13
N VAL A 687 -11.32 4.79 -6.81
CA VAL A 687 -11.80 3.58 -6.17
C VAL A 687 -13.31 3.41 -6.38
N TYR A 688 -14.08 4.48 -6.14
CA TYR A 688 -15.52 4.43 -6.36
C TYR A 688 -15.86 4.23 -7.83
N LEU A 689 -15.06 4.81 -8.73
CA LEU A 689 -15.31 4.69 -10.16
C LEU A 689 -15.09 3.27 -10.64
N THR A 690 -14.02 2.62 -10.20
CA THR A 690 -13.82 1.25 -10.65
C THR A 690 -14.62 0.23 -9.85
N VAL A 691 -15.11 0.56 -8.65
CA VAL A 691 -16.08 -0.32 -8.01
C VAL A 691 -17.42 -0.27 -8.74
N ARG A 692 -17.82 0.93 -9.18
CA ARG A 692 -19.00 1.06 -10.05
C ARG A 692 -18.82 0.32 -11.37
N LEU A 693 -17.66 0.48 -12.01
CA LEU A 693 -17.41 -0.10 -13.31
C LEU A 693 -16.86 -1.52 -13.23
N ALA A 694 -16.78 -2.10 -12.04
CA ALA A 694 -16.60 -3.54 -11.87
C ALA A 694 -17.86 -4.22 -11.36
N ALA A 695 -18.78 -3.48 -10.75
CA ALA A 695 -20.08 -4.05 -10.43
C ALA A 695 -21.03 -3.98 -11.63
N ARG A 696 -20.82 -3.04 -12.53
CA ARG A 696 -21.60 -2.99 -13.77
C ARG A 696 -21.00 -3.88 -14.85
N TYR A 697 -19.68 -3.86 -15.00
CA TYR A 697 -18.98 -4.73 -15.94
C TYR A 697 -18.05 -5.64 -15.16
N PRO A 698 -18.47 -6.87 -14.85
CA PRO A 698 -17.63 -7.72 -13.98
C PRO A 698 -16.38 -8.26 -14.67
N HIS A 699 -16.49 -8.70 -15.91
CA HIS A 699 -15.36 -9.32 -16.60
C HIS A 699 -14.61 -8.34 -17.50
N LEU A 700 -14.54 -7.08 -17.12
CA LEU A 700 -13.78 -6.06 -17.86
C LEU A 700 -12.97 -5.24 -16.87
N GLN A 701 -12.27 -5.93 -15.97
CA GLN A 701 -11.38 -5.28 -15.01
C GLN A 701 -9.97 -5.10 -15.55
N TRP A 702 -9.59 -5.89 -16.56
CA TRP A 702 -8.31 -5.68 -17.24
C TRP A 702 -8.26 -4.34 -17.94
N LEU A 703 -9.40 -3.87 -18.46
CA LEU A 703 -9.42 -2.59 -19.15
C LEU A 703 -9.24 -1.44 -18.17
N TYR A 704 -9.78 -1.56 -16.96
CA TYR A 704 -9.57 -0.49 -15.99
C TYR A 704 -8.20 -0.59 -15.34
N GLY A 705 -7.61 -1.78 -15.26
CA GLY A 705 -6.21 -1.86 -14.89
C GLY A 705 -5.29 -1.22 -15.92
N ALA A 706 -5.57 -1.45 -17.21
CA ALA A 706 -4.77 -0.86 -18.27
C ALA A 706 -4.98 0.64 -18.37
N LEU A 707 -6.21 1.11 -18.15
CA LEU A 707 -6.47 2.54 -18.16
C LEU A 707 -5.88 3.23 -16.94
N GLY A 708 -5.84 2.51 -15.80
CA GLY A 708 -5.12 3.01 -14.64
C GLY A 708 -3.64 3.16 -14.91
N LEU A 709 -3.03 2.15 -15.55
CA LEU A 709 -1.61 2.28 -15.91
C LEU A 709 -1.38 3.35 -16.97
N ALA A 710 -2.34 3.57 -17.86
CA ALA A 710 -2.21 4.63 -18.85
C ALA A 710 -2.22 6.01 -18.21
N VAL A 711 -3.11 6.24 -17.25
CA VAL A 711 -3.08 7.53 -16.57
C VAL A 711 -1.93 7.64 -15.56
N ILE A 712 -1.41 6.49 -15.08
CA ILE A 712 -0.15 6.50 -14.33
C ILE A 712 0.99 7.03 -15.18
N GLY A 713 1.14 6.48 -16.39
CA GLY A 713 2.18 6.93 -17.29
C GLY A 713 1.97 8.37 -17.75
N ALA A 714 0.71 8.78 -17.88
CA ALA A 714 0.41 10.17 -18.21
C ALA A 714 0.83 11.11 -17.08
N SER A 715 0.54 10.73 -15.82
CA SER A 715 0.92 11.58 -14.69
C SER A 715 2.44 11.62 -14.51
N SER A 716 3.11 10.48 -14.67
CA SER A 716 4.56 10.47 -14.52
C SER A 716 5.26 11.15 -15.70
N CYS A 717 4.61 11.19 -16.88
CA CYS A 717 5.15 11.97 -17.98
C CYS A 717 4.91 13.46 -17.77
N ILE A 718 3.85 13.82 -17.04
CA ILE A 718 3.47 15.23 -16.92
C ILE A 718 4.00 15.91 -15.67
N VAL A 719 4.55 15.15 -14.70
CA VAL A 719 5.06 15.76 -13.45
C VAL A 719 6.18 16.78 -13.66
N PRO A 720 7.23 16.51 -14.46
CA PRO A 720 8.23 17.59 -14.68
C PRO A 720 7.73 18.71 -15.58
N ALA A 721 6.60 18.55 -16.26
CA ALA A 721 5.99 19.68 -16.93
C ALA A 721 5.18 20.55 -15.98
N CYS A 722 4.99 20.11 -14.73
CA CYS A 722 4.21 20.85 -13.74
C CYS A 722 5.18 21.61 -12.85
N ARG A 723 5.53 22.82 -13.25
CA ARG A 723 6.48 23.65 -12.53
C ARG A 723 5.80 24.63 -11.59
N SER A 724 4.48 24.55 -11.43
CA SER A 724 3.75 25.29 -10.42
C SER A 724 3.13 24.30 -9.45
N PHE A 725 2.63 24.80 -8.32
CA PHE A 725 2.23 23.91 -7.23
C PHE A 725 0.92 23.20 -7.53
N ALA A 726 -0.08 23.96 -7.99
CA ALA A 726 -1.38 23.35 -8.32
C ALA A 726 -1.33 22.32 -9.46
N PRO A 727 -0.59 22.50 -10.58
CA PRO A 727 -0.49 21.39 -11.52
C PRO A 727 0.30 20.21 -10.97
N LEU A 728 1.23 20.43 -10.04
CA LEU A 728 1.91 19.30 -9.41
C LEU A 728 0.95 18.51 -8.52
N VAL A 729 0.06 19.22 -7.83
CA VAL A 729 -0.96 18.57 -7.01
C VAL A 729 -1.93 17.79 -7.89
N VAL A 730 -2.33 18.34 -9.03
CA VAL A 730 -3.27 17.60 -9.86
C VAL A 730 -2.57 16.45 -10.59
N SER A 731 -1.25 16.54 -10.82
CA SER A 731 -0.52 15.41 -11.39
C SER A 731 -0.35 14.28 -10.38
N LEU A 732 -0.06 14.62 -9.12
CA LEU A 732 0.04 13.58 -8.11
C LEU A 732 -1.32 13.01 -7.74
N CYS A 733 -2.40 13.79 -7.88
CA CYS A 733 -3.69 13.19 -7.61
C CYS A 733 -4.13 12.32 -8.78
N GLY A 734 -3.69 12.63 -10.00
CA GLY A 734 -3.84 11.69 -11.09
C GLY A 734 -3.00 10.44 -10.91
N LEU A 735 -1.84 10.57 -10.28
CA LEU A 735 -1.02 9.41 -9.93
C LEU A 735 -1.72 8.52 -8.91
N CYS A 736 -2.29 9.11 -7.87
CA CYS A 736 -3.02 8.30 -6.90
C CYS A 736 -4.33 7.77 -7.47
N PHE A 737 -4.94 8.50 -8.41
CA PHE A 737 -6.08 8.02 -9.18
C PHE A 737 -5.73 6.78 -9.98
N GLY A 738 -4.57 6.78 -10.63
CA GLY A 738 -4.16 5.63 -11.42
C GLY A 738 -3.79 4.42 -10.58
N ILE A 739 -3.10 4.65 -9.46
CA ILE A 739 -2.79 3.53 -8.57
C ILE A 739 -4.08 3.01 -7.92
N ALA A 740 -5.06 3.88 -7.69
CA ALA A 740 -6.36 3.44 -7.19
C ALA A 740 -7.09 2.56 -8.18
N LEU A 741 -7.07 2.96 -9.47
CA LEU A 741 -7.70 2.14 -10.50
C LEU A 741 -7.01 0.79 -10.65
N VAL A 742 -5.67 0.77 -10.67
CA VAL A 742 -4.94 -0.48 -10.87
C VAL A 742 -5.12 -1.41 -9.68
N ASP A 743 -5.03 -0.87 -8.46
CA ASP A 743 -5.15 -1.71 -7.26
C ASP A 743 -6.57 -2.21 -7.07
N THR A 744 -7.56 -1.34 -7.22
CA THR A 744 -8.94 -1.76 -6.97
C THR A 744 -9.52 -2.52 -8.16
N ALA A 745 -8.86 -2.52 -9.31
CA ALA A 745 -9.31 -3.33 -10.43
C ALA A 745 -8.47 -4.59 -10.64
N LEU A 746 -7.37 -4.75 -9.91
CA LEU A 746 -6.57 -5.96 -10.04
C LEU A 746 -6.45 -6.78 -8.77
N LEU A 747 -6.65 -6.21 -7.59
CA LEU A 747 -6.70 -7.04 -6.40
C LEU A 747 -7.99 -7.88 -6.31
N PRO A 748 -9.18 -7.41 -6.72
CA PRO A 748 -10.28 -8.37 -6.92
C PRO A 748 -10.03 -9.32 -8.07
N THR A 749 -9.34 -8.88 -9.13
CA THR A 749 -9.00 -9.78 -10.22
C THR A 749 -8.00 -10.83 -9.77
N LEU A 750 -7.12 -10.49 -8.83
CA LEU A 750 -6.13 -11.44 -8.34
C LEU A 750 -6.77 -12.54 -7.50
N ALA A 751 -7.72 -12.16 -6.62
CA ALA A 751 -8.41 -13.15 -5.81
C ALA A 751 -9.40 -13.97 -6.64
N PHE A 752 -10.09 -13.33 -7.58
CA PHE A 752 -10.96 -14.05 -8.51
C PHE A 752 -10.17 -15.00 -9.38
N LEU A 753 -8.94 -14.63 -9.73
CA LEU A 753 -8.10 -15.41 -10.62
C LEU A 753 -7.52 -16.63 -9.90
N VAL A 754 -7.09 -16.45 -8.64
CA VAL A 754 -6.67 -17.60 -7.85
C VAL A 754 -7.88 -18.42 -7.41
N ASP A 755 -9.09 -17.86 -7.47
CA ASP A 755 -10.29 -18.61 -7.13
C ASP A 755 -10.72 -19.51 -8.29
N VAL A 756 -10.72 -19.00 -9.51
CA VAL A 756 -11.20 -19.77 -10.65
C VAL A 756 -10.11 -20.55 -11.36
N ARG A 757 -8.84 -20.33 -11.02
CA ARG A 757 -7.77 -21.08 -11.66
C ARG A 757 -6.96 -21.92 -10.68
N HIS A 758 -6.93 -21.55 -9.40
CA HIS A 758 -6.22 -22.31 -8.38
C HIS A 758 -7.16 -22.66 -7.24
N VAL A 759 -6.61 -23.14 -6.12
CA VAL A 759 -7.42 -23.37 -4.94
C VAL A 759 -7.81 -22.02 -4.30
N SER A 760 -8.93 -22.02 -3.59
CA SER A 760 -9.53 -20.78 -3.10
C SER A 760 -9.01 -20.41 -1.70
N VAL A 761 -7.70 -20.26 -1.60
CA VAL A 761 -7.05 -19.74 -0.40
C VAL A 761 -6.27 -18.50 -0.81
N TYR A 762 -6.52 -17.39 -0.11
CA TYR A 762 -6.18 -16.06 -0.59
C TYR A 762 -4.93 -15.48 0.03
N GLY A 763 -4.14 -16.28 0.75
CA GLY A 763 -2.97 -15.74 1.41
C GLY A 763 -1.76 -15.57 0.51
N SER A 764 -1.47 -16.61 -0.29
CA SER A 764 -0.29 -16.59 -1.14
C SER A 764 -0.39 -15.57 -2.27
N VAL A 765 -1.60 -15.34 -2.78
CA VAL A 765 -1.68 -14.50 -3.97
C VAL A 765 -1.59 -13.03 -3.57
N TYR A 766 -2.02 -12.68 -2.36
CA TYR A 766 -1.78 -11.35 -1.85
C TYR A 766 -0.41 -11.21 -1.25
N ALA A 767 0.24 -12.33 -0.90
CA ALA A 767 1.68 -12.28 -0.66
C ALA A 767 2.44 -11.95 -1.93
N ILE A 768 1.97 -12.42 -3.09
CA ILE A 768 2.56 -12.03 -4.37
C ILE A 768 2.30 -10.56 -4.67
N ALA A 769 1.09 -10.08 -4.33
CA ALA A 769 0.78 -8.65 -4.45
C ALA A 769 1.71 -7.80 -3.59
N ASP A 770 1.95 -8.23 -2.34
CA ASP A 770 2.87 -7.49 -1.49
C ASP A 770 4.33 -7.72 -1.87
N ILE A 771 4.67 -8.82 -2.55
CA ILE A 771 5.99 -8.96 -3.18
C ILE A 771 6.20 -7.85 -4.21
N SER A 772 5.18 -7.58 -5.02
CA SER A 772 5.26 -6.51 -6.01
C SER A 772 5.41 -5.14 -5.35
N TYR A 773 4.54 -4.86 -4.38
CA TYR A 773 4.64 -3.67 -3.52
C TYR A 773 6.02 -3.54 -2.87
N SER A 774 6.58 -4.67 -2.44
CA SER A 774 7.82 -4.67 -1.68
C SER A 774 9.02 -4.41 -2.56
N VAL A 775 9.03 -4.98 -3.78
CA VAL A 775 10.16 -4.74 -4.65
C VAL A 775 10.14 -3.31 -5.16
N ALA A 776 8.95 -2.71 -5.31
CA ALA A 776 8.87 -1.29 -5.64
C ALA A 776 9.43 -0.42 -4.52
N TYR A 777 8.87 -0.55 -3.30
CA TYR A 777 9.35 0.29 -2.21
C TYR A 777 10.70 -0.14 -1.63
N ALA A 778 11.29 -1.23 -2.12
CA ALA A 778 12.64 -1.59 -1.72
C ALA A 778 13.68 -1.12 -2.71
N LEU A 779 13.33 -1.03 -3.99
CA LEU A 779 14.23 -0.35 -4.90
C LEU A 779 14.05 1.16 -4.90
N GLY A 780 13.01 1.67 -4.23
CA GLY A 780 12.80 3.11 -4.20
C GLY A 780 13.81 3.91 -3.41
N PRO A 781 13.78 3.85 -2.08
CA PRO A 781 14.61 4.75 -1.26
C PRO A 781 16.09 4.41 -1.25
N ILE A 782 16.53 3.30 -1.84
CA ILE A 782 17.95 2.99 -1.86
C ILE A 782 18.65 3.63 -3.05
N VAL A 783 18.13 3.43 -4.26
CA VAL A 783 18.81 3.89 -5.46
C VAL A 783 18.04 4.96 -6.22
N ALA A 784 16.85 5.36 -5.74
CA ALA A 784 16.06 6.37 -6.45
C ALA A 784 16.72 7.74 -6.40
N GLY A 785 17.17 8.15 -5.22
CA GLY A 785 17.87 9.42 -5.09
C GLY A 785 19.20 9.43 -5.83
N HIS A 786 19.87 8.29 -5.91
CA HIS A 786 21.14 8.23 -6.64
C HIS A 786 20.92 8.33 -8.15
N ILE A 787 19.89 7.67 -8.68
CA ILE A 787 19.66 7.78 -10.11
C ILE A 787 18.96 9.07 -10.49
N VAL A 788 18.44 9.82 -9.51
CA VAL A 788 18.05 11.20 -9.79
C VAL A 788 19.26 12.13 -9.78
N HIS A 789 20.17 11.93 -8.82
CA HIS A 789 21.38 12.74 -8.75
C HIS A 789 22.33 12.49 -9.92
N SER A 790 22.25 11.31 -10.54
CA SER A 790 23.11 11.01 -11.70
C SER A 790 22.46 11.44 -13.01
N LEU A 791 21.29 10.88 -13.33
CA LEU A 791 20.63 11.21 -14.58
C LEU A 791 19.90 12.54 -14.50
N GLY A 792 18.94 12.63 -13.60
CA GLY A 792 18.07 13.80 -13.52
C GLY A 792 16.73 13.37 -12.97
N PHE A 793 15.81 14.33 -12.93
CA PHE A 793 14.46 14.04 -12.47
C PHE A 793 13.51 13.77 -13.62
N GLU A 794 13.59 14.55 -14.70
CA GLU A 794 12.72 14.31 -15.84
C GLU A 794 13.11 13.03 -16.57
N GLN A 795 14.38 12.62 -16.51
CA GLN A 795 14.77 11.36 -17.12
C GLN A 795 14.18 10.17 -16.39
N LEU A 796 14.21 10.19 -15.05
CA LEU A 796 13.56 9.14 -14.25
C LEU A 796 12.05 9.14 -14.44
N SER A 797 11.44 10.31 -14.48
CA SER A 797 9.99 10.40 -14.64
C SER A 797 9.56 9.89 -16.01
N LEU A 798 10.26 10.29 -17.07
CA LEU A 798 9.94 9.80 -18.40
C LEU A 798 10.31 8.33 -18.57
N GLY A 799 11.28 7.83 -17.81
CA GLY A 799 11.56 6.40 -17.81
C GLY A 799 10.43 5.60 -17.22
N MET A 800 9.86 6.06 -16.10
CA MET A 800 8.73 5.35 -15.53
C MET A 800 7.45 5.54 -16.35
N GLY A 801 7.29 6.70 -16.98
CA GLY A 801 6.16 6.89 -17.87
C GLY A 801 6.27 6.07 -19.14
N LEU A 802 7.50 5.89 -19.64
CA LEU A 802 7.75 4.97 -20.73
C LEU A 802 7.45 3.53 -20.32
N ALA A 803 7.81 3.17 -19.08
CA ALA A 803 7.51 1.84 -18.56
C ALA A 803 6.00 1.61 -18.49
N ASN A 804 5.24 2.61 -18.05
CA ASN A 804 3.81 2.42 -17.90
C ASN A 804 3.05 2.52 -19.22
N LEU A 805 3.46 3.41 -20.13
CA LEU A 805 2.87 3.41 -21.47
C LEU A 805 3.28 2.21 -22.30
N LEU A 806 4.37 1.53 -21.97
CA LEU A 806 4.70 0.29 -22.63
C LEU A 806 4.20 -0.93 -21.88
N TYR A 807 3.66 -0.76 -20.68
CA TYR A 807 3.12 -1.89 -19.93
C TYR A 807 1.60 -1.88 -19.85
N ALA A 808 0.94 -0.77 -20.16
CA ALA A 808 -0.53 -0.79 -20.20
C ALA A 808 -1.11 -1.66 -21.32
N PRO A 809 -0.47 -1.82 -22.51
CA PRO A 809 -0.93 -2.91 -23.41
C PRO A 809 -0.37 -4.30 -23.09
N VAL A 810 0.19 -4.50 -21.90
CA VAL A 810 0.57 -5.84 -21.47
C VAL A 810 -0.53 -6.46 -20.59
N LEU A 811 -1.39 -5.64 -20.00
CA LEU A 811 -2.57 -6.12 -19.28
C LEU A 811 -3.67 -6.65 -20.19
N LEU A 812 -3.47 -6.64 -21.51
CA LEU A 812 -4.43 -7.19 -22.45
C LEU A 812 -4.55 -8.71 -22.36
N LEU A 813 -3.63 -9.38 -21.65
CA LEU A 813 -3.65 -10.83 -21.52
C LEU A 813 -4.80 -11.33 -20.65
N LEU A 814 -5.39 -10.46 -19.83
CA LEU A 814 -6.48 -10.83 -18.95
C LEU A 814 -7.85 -10.65 -19.58
N ARG A 815 -7.94 -10.65 -20.92
CA ARG A 815 -9.26 -10.46 -21.52
C ARG A 815 -10.10 -11.73 -21.47
N ASN A 816 -9.49 -12.88 -21.19
CA ASN A 816 -10.20 -14.15 -21.13
C ASN A 816 -10.45 -14.61 -19.69
N VAL A 817 -10.53 -13.68 -18.74
CA VAL A 817 -10.82 -14.07 -17.36
C VAL A 817 -12.29 -14.45 -17.18
N GLY A 818 -13.15 -14.08 -18.11
CA GLY A 818 -14.53 -14.53 -18.08
C GLY A 818 -14.69 -15.89 -18.71
N LEU A 819 -13.70 -16.30 -19.50
CA LEU A 819 -13.73 -17.58 -20.18
C LEU A 819 -13.11 -18.67 -19.30
C11 A1EWW B . -1.20 -0.55 -2.44
C12 A1EWW B . -0.73 0.54 -1.66
C15 A1EWW B . 0.43 3.89 -0.71
C18 A1EWW B . 1.35 6.44 -0.51
C19 A1EWW B . 0.08 6.23 -0.99
C20 A1EWW B . -0.40 4.94 -1.10
C23 A1EWW B . -1.98 4.42 -3.49
C24 A1EWW B . -1.73 5.73 -4.22
C01 A1EWW B . 0.31 1.70 1.54
C03 A1EWW B . -0.50 0.35 -0.34
C05 A1EWW B . -1.16 -1.90 -0.44
C06 A1EWW B . -1.41 -1.77 -1.79
C07 A1EWW B . -1.92 -2.96 -2.58
C14 A1EWW B . 0.00 2.43 -0.82
C17 A1EWW B . 2.13 5.36 -0.16
F08 A1EWW B . -2.92 -2.54 -3.40
F09 A1EWW B . -0.90 -3.46 -3.33
F10 A1EWW B . -2.37 -3.91 -1.73
N02 A1EWW B . -0.05 1.53 0.15
N04 A1EWW B . -0.71 -0.85 0.24
N13 A1EWW B . -0.42 1.84 -1.94
N16 A1EWW B . 1.65 4.14 -0.28
O22 A1EWW B . -2.68 6.10 -1.62
O25 A1EWW B . -2.79 3.67 -1.06
S21 A1EWW B . -2.10 4.77 -1.72
#